data_8Q5E
#
_entry.id   8Q5E
#
_cell.length_a   153.926
_cell.length_b   153.926
_cell.length_c   36.039
_cell.angle_alpha   90.000
_cell.angle_beta   90.000
_cell.angle_gamma   120.000
#
_symmetry.space_group_name_H-M   'H 3'
#
loop_
_entity.id
_entity.type
_entity.pdbx_description
1 polymer 'Sensory box protein'
2 non-polymer 'FLAVIN MONONUCLEOTIDE'
3 non-polymer 'NICKEL (II) ION'
#
_entity_poly.entity_id   1
_entity_poly.type   'polypeptide(L)'
_entity_poly.pdbx_seq_one_letter_code
;MINAQLLQSMVDASNDGIVVAEKEGDDTILIYVNAAFEYLTGYSRDEILYQDCRFLQGDDAASGATARIRKAMAEGRPCR
EVLRNYRKDGSAFWNELSITPVKSDFDQRTYFIGIQKDVSRQVELERELAELRARPKPDERA
;
_entity_poly.pdbx_strand_id   A,B
#
loop_
_chem_comp.id
_chem_comp.type
_chem_comp.name
_chem_comp.formula
FMN non-polymer 'FLAVIN MONONUCLEOTIDE' 'C17 H21 N4 O9 P'
NI non-polymer 'NICKEL (II) ION' 'Ni 2'
#
# COMPACT_ATOMS: atom_id res chain seq x y z
N MET A 1 11.98 18.41 -4.38
CA MET A 1 11.33 17.33 -5.15
C MET A 1 11.95 16.24 -4.33
N ILE A 2 11.85 14.95 -4.74
CA ILE A 2 12.05 13.82 -3.84
C ILE A 2 13.32 13.03 -4.18
N ASN A 3 14.10 12.62 -3.16
CA ASN A 3 15.35 11.90 -3.40
C ASN A 3 15.19 10.38 -3.20
N ALA A 4 16.27 9.65 -3.52
CA ALA A 4 16.24 8.21 -3.59
C ALA A 4 16.04 7.58 -2.22
N GLN A 5 16.69 8.13 -1.20
CA GLN A 5 16.60 7.58 0.14
C GLN A 5 15.15 7.60 0.60
N LEU A 6 14.41 8.72 0.40
CA LEU A 6 13.02 8.79 0.81
C LEU A 6 12.17 7.84 0.01
N LEU A 7 12.50 7.61 -1.26
CA LEU A 7 11.68 6.68 -2.01
C LEU A 7 11.82 5.30 -1.38
N GLN A 8 13.04 4.94 -1.04
CA GLN A 8 13.31 3.69 -0.32
C GLN A 8 12.51 3.67 0.98
N SER A 9 12.41 4.77 1.70
CA SER A 9 11.65 4.78 2.92
C SER A 9 10.15 4.64 2.63
N MET A 10 9.69 5.08 1.47
CA MET A 10 8.28 4.98 1.15
C MET A 10 7.94 3.51 0.88
N VAL A 11 8.78 2.85 0.10
CA VAL A 11 8.62 1.42 -0.08
C VAL A 11 8.79 0.65 1.24
N ASP A 12 9.79 1.00 2.08
CA ASP A 12 10.00 0.32 3.38
C ASP A 12 8.79 0.53 4.29
N ALA A 13 8.24 1.73 4.32
CA ALA A 13 7.08 1.99 5.14
C ALA A 13 5.81 1.32 4.57
N SER A 14 5.84 0.77 3.34
CA SER A 14 4.56 0.43 2.72
C SER A 14 3.89 -0.66 3.52
N ASN A 15 2.56 -0.60 3.66
CA ASN A 15 1.79 -1.69 4.24
C ASN A 15 1.59 -2.83 3.28
N ASP A 16 1.39 -2.56 1.98
CA ASP A 16 1.28 -3.65 1.02
C ASP A 16 2.68 -4.19 0.71
N GLY A 17 2.72 -5.44 0.30
CA GLY A 17 3.98 -5.99 -0.21
C GLY A 17 4.35 -5.29 -1.49
N ILE A 18 5.65 -5.07 -1.65
CA ILE A 18 6.16 -4.54 -2.90
C ILE A 18 7.37 -5.37 -3.28
N VAL A 19 7.44 -5.69 -4.57
CA VAL A 19 8.49 -6.56 -5.04
C VAL A 19 8.81 -6.20 -6.48
N VAL A 20 10.01 -6.59 -6.89
CA VAL A 20 10.47 -6.40 -8.25
C VAL A 20 10.95 -7.77 -8.70
N ALA A 21 10.61 -8.09 -9.94
CA ALA A 21 10.97 -9.36 -10.54
C ALA A 21 11.61 -9.10 -11.90
N GLU A 22 12.34 -10.11 -12.37
CA GLU A 22 12.93 -10.16 -13.69
C GLU A 22 12.31 -11.35 -14.43
N LYS A 23 12.19 -11.27 -15.75
CA LYS A 23 11.95 -12.45 -16.59
C LYS A 23 13.15 -13.39 -16.54
N GLU A 24 12.89 -14.71 -16.46
CA GLU A 24 13.90 -15.72 -16.75
C GLU A 24 13.22 -16.84 -17.53
N GLY A 25 13.31 -16.77 -18.87
CA GLY A 25 12.67 -17.78 -19.70
C GLY A 25 11.18 -17.58 -19.71
N ASP A 26 10.42 -18.59 -19.29
CA ASP A 26 8.98 -18.46 -19.20
C ASP A 26 8.59 -18.30 -17.73
N ASP A 27 9.58 -18.10 -16.86
CA ASP A 27 9.35 -17.78 -15.47
C ASP A 27 9.70 -16.32 -15.24
N THR A 28 9.36 -15.83 -14.05
CA THR A 28 9.84 -14.56 -13.54
C THR A 28 10.41 -14.83 -12.16
N ILE A 29 11.52 -14.17 -11.78
CA ILE A 29 12.10 -14.38 -10.47
C ILE A 29 12.22 -13.07 -9.68
N LEU A 30 11.87 -13.17 -8.39
CA LEU A 30 11.95 -12.05 -7.47
C LEU A 30 13.40 -11.67 -7.24
N ILE A 31 13.69 -10.36 -7.21
CA ILE A 31 15.01 -9.80 -6.92
C ILE A 31 14.92 -8.75 -5.80
N TYR A 32 13.71 -8.32 -5.45
CA TYR A 32 13.58 -7.43 -4.32
C TYR A 32 12.20 -7.65 -3.72
N VAL A 33 12.16 -7.68 -2.39
CA VAL A 33 10.93 -7.71 -1.63
C VAL A 33 11.11 -6.73 -0.49
N ASN A 34 10.02 -6.05 -0.11
CA ASN A 34 10.08 -5.20 1.05
C ASN A 34 9.70 -6.01 2.29
N ALA A 35 9.76 -5.32 3.42
CA ALA A 35 9.47 -5.88 4.74
C ALA A 35 8.02 -6.39 4.80
N ALA A 36 7.09 -5.63 4.23
CA ALA A 36 5.68 -5.95 4.32
C ALA A 36 5.39 -7.28 3.61
N PHE A 37 6.12 -7.54 2.51
CA PHE A 37 5.94 -8.79 1.76
C PHE A 37 6.43 -9.95 2.65
N GLU A 38 7.47 -9.75 3.47
CA GLU A 38 7.94 -10.76 4.42
C GLU A 38 6.84 -11.11 5.39
N TYR A 39 6.28 -10.09 5.99
CA TYR A 39 5.20 -10.22 6.96
C TYR A 39 4.04 -10.92 6.31
N LEU A 40 3.66 -10.45 5.12
CA LEU A 40 2.54 -11.02 4.42
C LEU A 40 2.70 -12.50 4.18
N THR A 41 3.87 -12.91 3.68
CA THR A 41 4.09 -14.30 3.28
C THR A 41 4.65 -15.16 4.41
N GLY A 42 5.25 -14.57 5.47
CA GLY A 42 5.86 -15.36 6.51
C GLY A 42 7.27 -15.83 6.15
N TYR A 43 7.76 -15.52 4.95
CA TYR A 43 9.07 -15.96 4.51
C TYR A 43 10.08 -14.83 4.65
N SER A 44 11.36 -15.19 4.85
CA SER A 44 12.42 -14.19 4.84
C SER A 44 12.90 -13.92 3.41
N ARG A 45 13.42 -12.72 3.18
CA ARG A 45 14.10 -12.35 1.96
C ARG A 45 14.93 -13.49 1.37
N ASP A 46 15.82 -14.09 2.16
CA ASP A 46 16.77 -15.07 1.65
C ASP A 46 16.06 -16.36 1.21
N GLU A 47 14.86 -16.61 1.73
CA GLU A 47 14.09 -17.76 1.33
C GLU A 47 13.31 -17.48 0.06
N ILE A 48 12.99 -16.21 -0.17
CA ILE A 48 12.00 -15.83 -1.19
C ILE A 48 12.71 -15.58 -2.52
N LEU A 49 13.75 -14.74 -2.47
CA LEU A 49 14.38 -14.16 -3.65
C LEU A 49 14.86 -15.26 -4.60
N TYR A 50 14.87 -14.95 -5.91
CA TYR A 50 15.49 -15.77 -6.94
C TYR A 50 14.62 -16.98 -7.27
N GLN A 51 13.31 -16.79 -7.05
CA GLN A 51 12.32 -17.82 -7.32
C GLN A 51 11.13 -17.17 -8.00
N ASP A 52 10.34 -17.98 -8.71
CA ASP A 52 9.11 -17.50 -9.30
C ASP A 52 8.08 -17.49 -8.17
N CYS A 53 7.23 -16.47 -8.19
CA CYS A 53 6.39 -16.17 -7.05
C CYS A 53 5.22 -17.14 -6.96
N ARG A 54 5.00 -17.96 -7.99
CA ARG A 54 3.93 -18.94 -7.97
C ARG A 54 4.10 -19.95 -6.84
N PHE A 55 5.27 -20.13 -6.23
CA PHE A 55 5.36 -21.07 -5.12
C PHE A 55 4.39 -20.70 -3.97
N LEU A 56 4.00 -19.42 -3.89
CA LEU A 56 3.04 -18.98 -2.88
C LEU A 56 1.65 -19.58 -3.11
N GLN A 57 1.35 -19.91 -4.39
CA GLN A 57 0.07 -20.43 -4.81
C GLN A 57 -0.15 -21.83 -4.24
N GLY A 58 0.96 -22.51 -3.91
CA GLY A 58 0.93 -23.75 -3.16
C GLY A 58 0.68 -24.97 -4.03
N ASP A 59 0.11 -26.01 -3.39
CA ASP A 59 -0.39 -27.20 -4.08
C ASP A 59 -1.60 -26.85 -4.95
N ASP A 60 -2.30 -25.75 -4.62
CA ASP A 60 -3.52 -25.35 -5.32
C ASP A 60 -3.17 -24.66 -6.65
N ALA A 61 -3.13 -25.45 -7.74
CA ALA A 61 -3.07 -24.91 -9.10
C ALA A 61 -4.41 -24.21 -9.41
N ALA A 62 -4.33 -22.97 -9.90
CA ALA A 62 -5.53 -22.20 -10.19
C ALA A 62 -5.91 -22.38 -11.66
N SER A 63 -4.93 -22.23 -12.56
CA SER A 63 -5.23 -21.85 -13.93
C SER A 63 -5.89 -20.47 -13.88
N GLY A 64 -6.95 -20.24 -14.67
CA GLY A 64 -7.61 -18.94 -14.71
C GLY A 64 -6.60 -17.79 -14.77
N ALA A 65 -6.25 -17.25 -13.59
CA ALA A 65 -5.52 -15.99 -13.48
C ALA A 65 -4.11 -16.15 -14.04
N THR A 66 -3.56 -17.35 -13.93
CA THR A 66 -2.17 -17.55 -14.32
C THR A 66 -1.98 -17.25 -15.80
N ALA A 67 -2.85 -17.89 -16.60
CA ALA A 67 -2.96 -17.60 -18.01
C ALA A 67 -3.12 -16.10 -18.21
N ARG A 68 -4.12 -15.51 -17.54
CA ARG A 68 -4.39 -14.08 -17.67
C ARG A 68 -3.14 -13.25 -17.38
N ILE A 69 -2.36 -13.63 -16.36
CA ILE A 69 -1.17 -12.87 -15.98
C ILE A 69 -0.09 -13.03 -17.05
N ARG A 70 0.14 -14.26 -17.50
CA ARG A 70 1.13 -14.53 -18.53
C ARG A 70 0.80 -13.72 -19.80
N LYS A 71 -0.50 -13.76 -20.17
CA LYS A 71 -0.99 -12.98 -21.29
C LYS A 71 -0.54 -11.53 -21.11
N ALA A 72 -0.90 -10.94 -19.95
CA ALA A 72 -0.70 -9.51 -19.70
C ALA A 72 0.77 -9.12 -19.62
N MET A 73 1.60 -10.00 -19.04
CA MET A 73 3.01 -9.70 -18.87
C MET A 73 3.72 -9.70 -20.24
N ALA A 74 3.48 -10.77 -20.99
CA ALA A 74 3.97 -10.85 -22.35
C ALA A 74 3.62 -9.55 -23.09
N GLU A 75 2.34 -9.14 -22.99
CA GLU A 75 1.81 -8.01 -23.76
C GLU A 75 2.33 -6.67 -23.21
N GLY A 76 2.94 -6.67 -22.00
CA GLY A 76 3.54 -5.47 -21.44
C GLY A 76 2.50 -4.53 -20.83
N ARG A 77 1.37 -5.12 -20.42
CA ARG A 77 0.28 -4.40 -19.80
C ARG A 77 0.35 -4.63 -18.28
N PRO A 78 0.07 -3.59 -17.45
CA PRO A 78 -0.24 -3.82 -16.04
C PRO A 78 -1.47 -4.70 -15.91
N CYS A 79 -1.57 -5.44 -14.83
CA CYS A 79 -2.68 -6.34 -14.61
C CYS A 79 -2.85 -6.56 -13.12
N ARG A 80 -4.04 -7.03 -12.74
CA ARG A 80 -4.46 -7.14 -11.36
C ARG A 80 -5.28 -8.39 -11.23
N GLU A 81 -5.07 -9.17 -10.18
CA GLU A 81 -5.72 -10.45 -10.04
C GLU A 81 -5.76 -10.74 -8.55
N VAL A 82 -6.82 -11.39 -8.14
CA VAL A 82 -6.98 -11.87 -6.79
C VAL A 82 -6.66 -13.36 -6.83
N LEU A 83 -5.83 -13.84 -5.90
CA LEU A 83 -5.50 -15.25 -5.87
C LEU A 83 -5.16 -15.72 -4.47
N ARG A 84 -5.52 -16.97 -4.19
CA ARG A 84 -5.18 -17.65 -2.94
C ARG A 84 -3.67 -17.88 -2.92
N ASN A 85 -3.04 -17.53 -1.80
CA ASN A 85 -1.64 -17.86 -1.58
C ASN A 85 -1.55 -18.40 -0.17
N TYR A 86 -0.40 -18.99 0.17
CA TYR A 86 -0.24 -19.68 1.43
C TYR A 86 1.01 -19.16 2.09
N ARG A 87 0.93 -18.74 3.36
CA ARG A 87 2.14 -18.33 4.08
C ARG A 87 3.03 -19.54 4.31
N LYS A 88 4.26 -19.27 4.78
CA LYS A 88 5.19 -20.31 5.19
C LYS A 88 4.51 -21.36 6.08
N ASP A 89 3.60 -20.92 6.95
CA ASP A 89 3.05 -21.79 7.97
C ASP A 89 1.82 -22.54 7.43
N GLY A 90 1.47 -22.33 6.16
CA GLY A 90 0.37 -23.08 5.56
C GLY A 90 -0.95 -22.30 5.54
N SER A 91 -1.11 -21.32 6.44
CA SER A 91 -2.29 -20.47 6.46
C SER A 91 -2.51 -19.73 5.14
N ALA A 92 -3.76 -19.74 4.64
CA ALA A 92 -4.12 -19.16 3.36
C ALA A 92 -4.57 -17.70 3.50
N PHE A 93 -4.31 -16.93 2.45
CA PHE A 93 -4.67 -15.54 2.40
C PHE A 93 -5.01 -15.22 0.97
N TRP A 94 -5.86 -14.21 0.83
CA TRP A 94 -6.32 -13.74 -0.44
C TRP A 94 -5.45 -12.56 -0.75
N ASN A 95 -4.74 -12.61 -1.89
CA ASN A 95 -3.79 -11.61 -2.32
C ASN A 95 -4.35 -10.87 -3.53
N GLU A 96 -4.53 -9.55 -3.41
CA GLU A 96 -4.80 -8.76 -4.58
C GLU A 96 -3.46 -8.27 -5.13
N LEU A 97 -3.09 -8.83 -6.28
CA LEU A 97 -1.77 -8.66 -6.87
C LEU A 97 -1.86 -7.75 -8.07
N SER A 98 -1.07 -6.68 -8.11
CA SER A 98 -1.02 -5.92 -9.35
C SER A 98 0.41 -5.88 -9.83
N ILE A 99 0.58 -6.23 -11.10
CA ILE A 99 1.88 -6.26 -11.73
C ILE A 99 1.99 -5.14 -12.75
N THR A 100 3.14 -4.43 -12.73
CA THR A 100 3.39 -3.26 -13.53
C THR A 100 4.74 -3.39 -14.23
N PRO A 101 4.76 -3.54 -15.58
CA PRO A 101 6.00 -3.46 -16.34
C PRO A 101 6.63 -2.09 -16.37
N VAL A 102 7.94 -2.06 -16.22
CA VAL A 102 8.68 -0.81 -16.31
C VAL A 102 10.00 -1.13 -17.04
N LYS A 103 10.47 -0.17 -17.84
CA LYS A 103 11.74 -0.28 -18.52
C LYS A 103 12.75 0.63 -17.81
N SER A 104 13.90 0.02 -17.46
CA SER A 104 14.95 0.76 -16.79
C SER A 104 15.86 1.45 -17.80
N ASP A 105 15.82 2.78 -17.73
CA ASP A 105 16.60 3.62 -18.63
C ASP A 105 18.07 3.53 -18.27
N PHE A 106 18.36 3.12 -17.02
CA PHE A 106 19.71 2.79 -16.59
C PHE A 106 20.33 1.63 -17.39
N ASP A 107 19.71 0.43 -17.38
CA ASP A 107 20.32 -0.72 -18.03
C ASP A 107 19.52 -1.25 -19.22
N GLN A 108 18.46 -0.54 -19.62
CA GLN A 108 17.60 -0.91 -20.74
C GLN A 108 16.81 -2.19 -20.53
N ARG A 109 16.85 -2.79 -19.32
CA ARG A 109 16.11 -4.03 -19.10
C ARG A 109 14.71 -3.73 -18.56
N THR A 110 13.76 -4.64 -18.77
CA THR A 110 12.42 -4.47 -18.23
C THR A 110 12.27 -5.22 -16.91
N TYR A 111 11.72 -4.48 -15.94
CA TYR A 111 11.49 -4.96 -14.60
C TYR A 111 9.99 -5.02 -14.30
N PHE A 112 9.59 -5.93 -13.43
CA PHE A 112 8.18 -6.02 -13.07
C PHE A 112 8.02 -5.61 -11.60
N ILE A 113 7.17 -4.61 -11.36
CA ILE A 113 6.78 -4.24 -10.02
C ILE A 113 5.51 -4.99 -9.65
N GLY A 114 5.55 -5.67 -8.50
CA GLY A 114 4.39 -6.30 -7.91
C GLY A 114 4.00 -5.63 -6.59
N ILE A 115 2.69 -5.38 -6.45
CA ILE A 115 2.05 -4.87 -5.25
C ILE A 115 1.06 -5.92 -4.78
N GLN A 116 1.25 -6.31 -3.50
CA GLN A 116 0.47 -7.35 -2.91
C GLN A 116 -0.30 -6.80 -1.71
N LYS A 117 -1.63 -6.83 -1.84
CA LYS A 117 -2.58 -6.45 -0.82
C LYS A 117 -3.30 -7.67 -0.26
N ASP A 118 -3.20 -7.85 1.06
CA ASP A 118 -4.00 -8.84 1.76
C ASP A 118 -5.42 -8.32 1.81
N VAL A 119 -6.34 -9.08 1.20
CA VAL A 119 -7.75 -8.72 1.18
C VAL A 119 -8.55 -9.82 1.83
N SER A 120 -7.89 -10.67 2.61
CA SER A 120 -8.55 -11.74 3.34
C SER A 120 -9.74 -11.17 4.12
N ARG A 121 -9.51 -10.05 4.81
CA ARG A 121 -10.44 -9.57 5.80
C ARG A 121 -11.76 -9.19 5.15
N GLN A 122 -11.65 -8.37 4.14
CA GLN A 122 -12.85 -8.00 3.42
C GLN A 122 -13.58 -9.27 2.96
N VAL A 123 -12.84 -10.22 2.42
CA VAL A 123 -13.48 -11.35 1.79
C VAL A 123 -14.25 -12.13 2.86
N GLU A 124 -13.66 -12.29 4.06
CA GLU A 124 -14.23 -13.04 5.13
C GLU A 124 -15.48 -12.32 5.67
N LEU A 125 -15.41 -11.01 5.80
CA LEU A 125 -16.54 -10.20 6.22
C LEU A 125 -17.71 -10.38 5.26
N GLU A 126 -17.42 -10.40 3.94
CA GLU A 126 -18.53 -10.55 3.02
C GLU A 126 -19.08 -11.95 3.18
N ARG A 127 -18.20 -12.91 3.54
CA ARG A 127 -18.61 -14.29 3.71
C ARG A 127 -19.52 -14.40 4.92
N GLU A 128 -19.07 -13.88 6.08
CA GLU A 128 -19.86 -13.88 7.29
C GLU A 128 -21.19 -13.17 7.06
N LEU A 129 -21.18 -12.04 6.40
CA LEU A 129 -22.44 -11.38 6.03
C LEU A 129 -23.36 -12.29 5.21
N ALA A 130 -22.85 -12.97 4.18
CA ALA A 130 -23.75 -13.68 3.29
C ALA A 130 -24.37 -14.88 3.99
N GLU A 131 -23.59 -15.44 4.94
CA GLU A 131 -24.07 -16.46 5.84
C GLU A 131 -25.15 -15.98 6.79
N LEU A 132 -25.00 -14.81 7.43
CA LEU A 132 -26.07 -14.38 8.31
C LEU A 132 -27.29 -14.00 7.46
N ARG A 133 -27.09 -13.45 6.26
CA ARG A 133 -28.26 -13.12 5.45
C ARG A 133 -29.01 -14.39 5.06
N ALA A 134 -28.31 -15.53 4.99
CA ALA A 134 -28.92 -16.79 4.63
C ALA A 134 -29.77 -17.37 5.75
N ARG A 135 -29.49 -17.03 7.02
CA ARG A 135 -30.29 -17.53 8.13
C ARG A 135 -31.79 -17.38 7.85
N MET B 1 20.46 -4.85 -6.36
CA MET B 1 19.88 -3.66 -5.69
C MET B 1 19.11 -2.94 -6.78
N ILE B 2 18.38 -1.89 -6.36
CA ILE B 2 17.28 -1.24 -7.05
C ILE B 2 17.53 0.25 -7.15
N ASN B 3 17.28 0.88 -8.30
CA ASN B 3 17.67 2.27 -8.51
C ASN B 3 16.50 3.21 -8.27
N ALA B 4 16.77 4.51 -8.39
CA ALA B 4 15.84 5.50 -7.89
C ALA B 4 14.58 5.55 -8.73
N GLN B 5 14.75 5.37 -10.05
CA GLN B 5 13.60 5.40 -10.93
C GLN B 5 12.69 4.23 -10.57
N LEU B 6 13.21 3.02 -10.29
CA LEU B 6 12.35 1.89 -9.96
C LEU B 6 11.58 2.16 -8.67
N LEU B 7 12.24 2.76 -7.69
CA LEU B 7 11.61 3.07 -6.43
C LEU B 7 10.44 4.02 -6.67
N GLN B 8 10.64 5.03 -7.50
CA GLN B 8 9.58 5.95 -7.93
C GLN B 8 8.45 5.14 -8.53
N SER B 9 8.78 4.15 -9.37
CA SER B 9 7.69 3.42 -10.00
C SER B 9 6.98 2.54 -8.97
N MET B 10 7.67 2.15 -7.88
CA MET B 10 7.06 1.27 -6.89
C MET B 10 6.05 2.09 -6.07
N VAL B 11 6.45 3.30 -5.71
CA VAL B 11 5.50 4.24 -5.16
C VAL B 11 4.34 4.59 -6.11
N ASP B 12 4.65 4.89 -7.37
CA ASP B 12 3.64 5.29 -8.36
C ASP B 12 2.64 4.17 -8.59
N ALA B 13 3.09 2.92 -8.54
CA ALA B 13 2.17 1.84 -8.74
C ALA B 13 1.26 1.58 -7.52
N SER B 14 1.54 2.17 -6.34
CA SER B 14 1.00 1.62 -5.10
C SER B 14 -0.49 1.93 -5.01
N ASN B 15 -1.29 1.01 -4.42
CA ASN B 15 -2.73 1.23 -4.25
C ASN B 15 -3.04 2.29 -3.20
N ASP B 16 -2.29 2.29 -2.10
CA ASP B 16 -2.51 3.21 -1.01
C ASP B 16 -1.90 4.54 -1.38
N GLY B 17 -2.43 5.58 -0.78
CA GLY B 17 -1.80 6.87 -0.84
C GLY B 17 -0.48 6.81 -0.07
N ILE B 18 0.50 7.49 -0.62
CA ILE B 18 1.77 7.62 0.02
C ILE B 18 2.15 9.09 -0.07
N VAL B 19 2.70 9.61 1.01
CA VAL B 19 3.07 11.01 1.03
C VAL B 19 4.30 11.15 1.92
N VAL B 20 4.94 12.30 1.75
CA VAL B 20 6.04 12.71 2.58
C VAL B 20 5.71 14.11 3.02
N ALA B 21 5.97 14.36 4.32
CA ALA B 21 5.82 15.70 4.85
C ALA B 21 7.12 16.08 5.55
N GLU B 22 7.49 17.36 5.47
CA GLU B 22 8.58 17.93 6.23
C GLU B 22 8.00 18.80 7.35
N LYS B 23 8.74 18.86 8.48
CA LYS B 23 8.26 19.59 9.63
C LYS B 23 8.48 21.10 9.43
N GLU B 24 7.44 21.90 9.74
CA GLU B 24 7.50 23.35 9.73
C GLU B 24 6.93 23.89 11.03
N GLY B 25 7.83 24.21 11.97
CA GLY B 25 7.43 24.53 13.33
C GLY B 25 6.86 23.29 14.02
N ASP B 26 5.62 23.40 14.48
CA ASP B 26 4.94 22.28 15.12
C ASP B 26 3.91 21.70 14.15
N ASP B 27 3.95 22.14 12.89
CA ASP B 27 3.12 21.59 11.84
C ASP B 27 4.01 20.78 10.90
N THR B 28 3.35 20.10 9.94
CA THR B 28 4.02 19.46 8.82
C THR B 28 3.41 19.99 7.53
N ILE B 29 4.16 19.89 6.44
CA ILE B 29 3.56 20.22 5.15
C ILE B 29 3.96 19.15 4.12
N LEU B 30 2.95 18.76 3.32
CA LEU B 30 3.10 17.75 2.30
C LEU B 30 4.06 18.27 1.23
N ILE B 31 5.01 17.42 0.81
CA ILE B 31 5.96 17.73 -0.25
C ILE B 31 5.92 16.69 -1.35
N TYR B 32 5.33 15.54 -1.07
CA TYR B 32 5.12 14.57 -2.13
C TYR B 32 3.85 13.82 -1.80
N VAL B 33 3.09 13.54 -2.85
CA VAL B 33 1.95 12.63 -2.80
C VAL B 33 1.99 11.79 -4.07
N ASN B 34 1.56 10.54 -3.95
CA ASN B 34 1.47 9.70 -5.13
C ASN B 34 0.09 9.84 -5.75
N ALA B 35 -0.10 9.12 -6.85
CA ALA B 35 -1.29 9.26 -7.68
C ALA B 35 -2.49 8.74 -6.89
N ALA B 36 -2.28 7.65 -6.18
CA ALA B 36 -3.36 7.00 -5.42
C ALA B 36 -3.92 7.94 -4.35
N PHE B 37 -3.07 8.79 -3.78
CA PHE B 37 -3.49 9.78 -2.79
C PHE B 37 -4.38 10.83 -3.46
N GLU B 38 -4.07 11.20 -4.71
CA GLU B 38 -4.89 12.16 -5.48
C GLU B 38 -6.31 11.60 -5.67
N TYR B 39 -6.34 10.35 -6.14
CA TYR B 39 -7.58 9.62 -6.39
C TYR B 39 -8.35 9.47 -5.09
N LEU B 40 -7.64 9.08 -4.03
CA LEU B 40 -8.28 8.87 -2.74
C LEU B 40 -8.98 10.14 -2.27
N THR B 41 -8.29 11.29 -2.37
CA THR B 41 -8.80 12.52 -1.79
C THR B 41 -9.63 13.33 -2.79
N GLY B 42 -9.48 13.12 -4.10
CA GLY B 42 -10.24 13.90 -5.06
C GLY B 42 -9.50 15.19 -5.43
N TYR B 43 -8.40 15.50 -4.73
CA TYR B 43 -7.64 16.71 -4.99
C TYR B 43 -6.47 16.41 -5.92
N SER B 44 -6.14 17.38 -6.77
CA SER B 44 -4.95 17.26 -7.58
C SER B 44 -3.74 17.50 -6.69
N ARG B 45 -2.61 16.94 -7.13
CA ARG B 45 -1.29 17.23 -6.59
C ARG B 45 -1.16 18.71 -6.21
N ASP B 46 -1.48 19.60 -7.17
CA ASP B 46 -1.15 21.01 -7.03
C ASP B 46 -2.03 21.65 -5.96
N GLU B 47 -3.19 21.06 -5.70
CA GLU B 47 -4.11 21.55 -4.69
C GLU B 47 -3.69 21.10 -3.30
N ILE B 48 -2.99 19.96 -3.22
CA ILE B 48 -2.72 19.28 -1.96
C ILE B 48 -1.42 19.80 -1.32
N LEU B 49 -0.35 19.81 -2.11
CA LEU B 49 1.02 20.02 -1.68
C LEU B 49 1.23 21.33 -0.91
N TYR B 50 2.20 21.33 0.02
CA TYR B 50 2.74 22.53 0.64
C TYR B 50 1.81 23.07 1.71
N GLN B 51 0.98 22.17 2.24
CA GLN B 51 -0.04 22.48 3.22
C GLN B 51 -0.06 21.33 4.24
N ASP B 52 -0.65 21.52 5.42
CA ASP B 52 -0.68 20.42 6.39
C ASP B 52 -1.86 19.54 6.03
N CYS B 53 -1.72 18.24 6.27
CA CYS B 53 -2.67 17.27 5.80
C CYS B 53 -3.99 17.31 6.58
N ARG B 54 -4.03 18.01 7.72
CA ARG B 54 -5.27 18.13 8.47
C ARG B 54 -6.38 18.82 7.66
N PHE B 55 -6.11 19.47 6.53
CA PHE B 55 -7.20 20.06 5.78
C PHE B 55 -8.22 19.00 5.34
N LEU B 56 -7.76 17.75 5.25
CA LEU B 56 -8.65 16.66 4.85
C LEU B 56 -9.74 16.39 5.89
N GLN B 57 -9.46 16.74 7.16
CA GLN B 57 -10.35 16.55 8.29
C GLN B 57 -11.57 17.47 8.15
N GLY B 58 -11.47 18.52 7.34
CA GLY B 58 -12.59 19.39 7.02
C GLY B 58 -12.70 20.55 8.02
N ASP B 59 -13.85 21.23 8.05
CA ASP B 59 -14.05 22.39 8.91
C ASP B 59 -14.11 21.98 10.38
N ASP B 60 -14.55 20.74 10.65
CA ASP B 60 -14.58 20.19 11.99
C ASP B 60 -13.18 19.73 12.40
N ALA B 61 -12.92 19.69 13.71
CA ALA B 61 -11.65 19.27 14.27
C ALA B 61 -11.82 18.04 15.18
N ALA B 62 -12.96 17.36 15.00
CA ALA B 62 -13.35 16.15 15.71
C ALA B 62 -13.51 16.44 17.20
N SER B 63 -12.68 15.80 18.04
CA SER B 63 -12.45 16.25 19.41
C SER B 63 -10.95 16.46 19.62
N GLY B 64 -10.27 17.09 18.64
CA GLY B 64 -8.82 17.03 18.57
C GLY B 64 -8.35 15.59 18.78
N ALA B 65 -8.96 14.65 18.04
CA ALA B 65 -8.63 13.23 18.09
C ALA B 65 -7.17 13.00 17.69
N THR B 66 -6.67 13.90 16.85
CA THR B 66 -5.30 13.91 16.39
C THR B 66 -4.33 14.03 17.56
N ALA B 67 -4.83 14.04 18.80
CA ALA B 67 -3.98 14.03 19.98
C ALA B 67 -2.97 12.90 19.89
N ARG B 68 -3.46 11.68 19.68
CA ARG B 68 -2.62 10.50 19.60
C ARG B 68 -1.52 10.70 18.55
N ILE B 69 -1.89 11.28 17.40
CA ILE B 69 -0.97 11.46 16.29
C ILE B 69 0.06 12.51 16.66
N ARG B 70 -0.38 13.63 17.23
CA ARG B 70 0.56 14.69 17.55
C ARG B 70 1.52 14.21 18.64
N LYS B 71 0.97 13.46 19.62
CA LYS B 71 1.81 12.82 20.63
C LYS B 71 2.90 12.02 19.93
N ALA B 72 2.50 11.12 19.02
CA ALA B 72 3.39 10.14 18.42
C ALA B 72 4.44 10.82 17.52
N MET B 73 4.03 11.86 16.81
CA MET B 73 4.93 12.52 15.88
C MET B 73 6.00 13.29 16.63
N ALA B 74 5.55 14.09 17.59
CA ALA B 74 6.45 14.78 18.49
C ALA B 74 7.49 13.81 19.04
N GLU B 75 7.02 12.64 19.51
CA GLU B 75 7.87 11.66 20.21
C GLU B 75 8.74 10.90 19.20
N GLY B 76 8.44 10.97 17.90
CA GLY B 76 9.22 10.28 16.90
C GLY B 76 8.89 8.79 16.84
N ARG B 77 7.65 8.43 17.22
CA ARG B 77 7.14 7.07 17.11
C ARG B 77 6.22 6.96 15.87
N PRO B 78 6.13 5.81 15.15
CA PRO B 78 5.05 5.60 14.19
C PRO B 78 3.71 5.67 14.92
N CYS B 79 2.65 5.96 14.18
CA CYS B 79 1.35 5.57 14.68
C CYS B 79 0.43 5.26 13.51
N ARG B 80 -0.74 4.74 13.85
CA ARG B 80 -1.81 4.50 12.92
C ARG B 80 -3.08 5.01 13.58
N GLU B 81 -3.92 5.69 12.79
CA GLU B 81 -5.22 6.08 13.24
C GLU B 81 -6.16 6.00 12.06
N VAL B 82 -7.41 5.73 12.39
CA VAL B 82 -8.49 5.87 11.44
C VAL B 82 -9.09 7.23 11.71
N LEU B 83 -9.20 8.07 10.68
CA LEU B 83 -9.69 9.44 10.80
C LEU B 83 -10.84 9.64 9.82
N ARG B 84 -11.81 10.46 10.21
CA ARG B 84 -12.79 10.96 9.24
C ARG B 84 -12.06 11.94 8.33
N ASN B 85 -12.27 11.84 7.01
CA ASN B 85 -11.70 12.85 6.11
C ASN B 85 -12.74 13.06 5.03
N TYR B 86 -12.55 14.13 4.26
CA TYR B 86 -13.55 14.50 3.27
C TYR B 86 -12.84 14.70 1.95
N ARG B 87 -13.33 14.07 0.89
CA ARG B 87 -12.85 14.37 -0.45
C ARG B 87 -13.13 15.81 -0.87
N LYS B 88 -12.53 16.18 -2.01
CA LYS B 88 -12.74 17.49 -2.62
C LYS B 88 -14.24 17.77 -2.77
N ASP B 89 -15.02 16.71 -3.07
CA ASP B 89 -16.41 16.89 -3.45
C ASP B 89 -17.27 16.88 -2.20
N GLY B 90 -16.68 16.73 -1.01
CA GLY B 90 -17.46 16.81 0.22
C GLY B 90 -17.80 15.44 0.80
N SER B 91 -17.83 14.39 -0.03
CA SER B 91 -18.05 13.03 0.44
C SER B 91 -17.01 12.57 1.46
N ALA B 92 -17.50 11.93 2.53
CA ALA B 92 -16.66 11.55 3.66
C ALA B 92 -16.21 10.09 3.50
N PHE B 93 -15.06 9.82 4.12
CA PHE B 93 -14.49 8.49 4.14
C PHE B 93 -13.74 8.36 5.43
N TRP B 94 -13.57 7.10 5.81
CA TRP B 94 -12.69 6.72 6.88
C TRP B 94 -11.35 6.42 6.23
N ASN B 95 -10.31 7.04 6.77
CA ASN B 95 -8.96 7.00 6.23
C ASN B 95 -8.07 6.32 7.26
N GLU B 96 -7.53 5.16 6.90
CA GLU B 96 -6.55 4.52 7.75
C GLU B 96 -5.16 5.01 7.37
N LEU B 97 -4.58 5.72 8.32
CA LEU B 97 -3.38 6.48 8.12
C LEU B 97 -2.30 5.87 8.98
N SER B 98 -1.15 5.55 8.40
CA SER B 98 0.01 5.13 9.16
C SER B 98 1.13 6.13 8.94
N ILE B 99 1.63 6.76 10.01
CA ILE B 99 2.68 7.74 9.90
C ILE B 99 3.98 7.18 10.47
N THR B 100 5.09 7.43 9.75
CA THR B 100 6.38 6.83 9.99
C THR B 100 7.43 7.92 9.93
N PRO B 101 8.12 8.23 11.04
CA PRO B 101 9.32 9.07 11.05
C PRO B 101 10.46 8.53 10.19
N VAL B 102 11.14 9.46 9.54
CA VAL B 102 12.29 9.18 8.70
C VAL B 102 13.48 9.92 9.29
N LYS B 103 14.65 9.27 9.33
CA LYS B 103 15.88 9.94 9.75
C LYS B 103 16.72 10.19 8.49
N SER B 104 17.03 11.46 8.23
CA SER B 104 17.56 11.89 6.94
C SER B 104 19.05 12.18 7.09
N ASP B 105 19.86 11.44 6.32
CA ASP B 105 21.29 11.65 6.31
C ASP B 105 21.61 12.94 5.57
N PHE B 106 20.75 13.28 4.61
CA PHE B 106 21.12 14.18 3.53
C PHE B 106 21.13 15.61 4.04
N ASP B 107 20.10 16.00 4.79
CA ASP B 107 19.97 17.34 5.32
C ASP B 107 19.66 17.27 6.82
N GLN B 108 19.22 18.39 7.41
CA GLN B 108 18.91 18.43 8.85
C GLN B 108 17.40 18.24 9.10
N ARG B 109 16.61 17.95 8.07
CA ARG B 109 15.16 18.14 8.16
C ARG B 109 14.50 16.89 8.74
N THR B 110 13.35 17.09 9.39
CA THR B 110 12.55 15.96 9.85
C THR B 110 11.46 15.64 8.82
N TYR B 111 11.43 14.38 8.39
CA TYR B 111 10.45 13.95 7.41
C TYR B 111 9.61 12.83 7.99
N PHE B 112 8.37 12.76 7.49
CA PHE B 112 7.44 11.71 7.81
C PHE B 112 6.83 11.12 6.53
N ILE B 113 6.79 9.80 6.51
CA ILE B 113 6.06 9.05 5.54
C ILE B 113 4.68 8.72 6.08
N GLY B 114 3.66 9.10 5.31
CA GLY B 114 2.31 8.63 5.54
C GLY B 114 1.82 7.70 4.42
N ILE B 115 1.11 6.68 4.87
CA ILE B 115 0.45 5.69 4.05
C ILE B 115 -1.03 5.76 4.40
N GLN B 116 -1.89 5.95 3.38
CA GLN B 116 -3.28 6.20 3.62
C GLN B 116 -4.11 5.25 2.79
N LYS B 117 -5.29 4.87 3.33
CA LYS B 117 -6.13 3.81 2.81
C LYS B 117 -7.59 4.09 3.18
N ASP B 118 -8.48 4.05 2.19
CA ASP B 118 -9.92 4.09 2.41
C ASP B 118 -10.32 2.77 3.09
N VAL B 119 -10.90 2.85 4.30
CA VAL B 119 -11.37 1.66 4.99
C VAL B 119 -12.87 1.74 5.23
N SER B 120 -13.54 2.65 4.55
CA SER B 120 -14.97 2.84 4.70
C SER B 120 -15.70 1.50 4.58
N ARG B 121 -15.34 0.74 3.56
CA ARG B 121 -16.11 -0.43 3.16
C ARG B 121 -16.08 -1.44 4.29
N GLN B 122 -14.90 -1.57 4.85
CA GLN B 122 -14.66 -2.48 5.96
C GLN B 122 -15.34 -1.98 7.24
N VAL B 123 -15.34 -0.67 7.47
CA VAL B 123 -16.01 -0.14 8.64
C VAL B 123 -17.51 -0.47 8.55
N GLU B 124 -18.08 -0.29 7.35
CA GLU B 124 -19.48 -0.49 7.10
C GLU B 124 -19.80 -1.99 7.23
N LEU B 125 -18.95 -2.84 6.67
CA LEU B 125 -19.13 -4.27 6.78
C LEU B 125 -19.18 -4.69 8.23
N GLU B 126 -18.26 -4.16 9.06
CA GLU B 126 -18.26 -4.56 10.47
C GLU B 126 -19.56 -4.09 11.10
N ARG B 127 -20.06 -2.93 10.63
CA ARG B 127 -21.28 -2.40 11.19
C ARG B 127 -22.48 -3.28 10.80
N GLU B 128 -22.66 -3.54 9.49
CA GLU B 128 -23.72 -4.39 9.01
C GLU B 128 -23.67 -5.74 9.73
N LEU B 129 -22.46 -6.29 9.88
CA LEU B 129 -22.30 -7.58 10.50
C LEU B 129 -22.79 -7.52 11.94
N ALA B 130 -22.42 -6.48 12.70
CA ALA B 130 -22.83 -6.42 14.10
C ALA B 130 -24.36 -6.28 14.20
N GLU B 131 -24.95 -5.61 13.21
CA GLU B 131 -26.39 -5.43 13.16
C GLU B 131 -27.09 -6.78 12.98
N LEU B 132 -26.58 -7.62 12.07
CA LEU B 132 -27.25 -8.88 11.88
C LEU B 132 -26.98 -9.80 13.05
N ARG B 133 -25.79 -9.74 13.61
CA ARG B 133 -25.50 -10.61 14.77
C ARG B 133 -26.46 -10.30 15.91
N ALA B 134 -26.84 -9.04 16.04
CA ALA B 134 -27.80 -8.58 17.04
C ALA B 134 -29.24 -9.05 16.80
N ARG B 135 -29.68 -9.30 15.56
CA ARG B 135 -31.05 -9.76 15.31
C ARG B 135 -31.43 -10.93 16.23
N1 FMN C . 2.01 -14.72 -7.71
C2 FMN C . 1.57 -14.95 -6.47
O2 FMN C . 0.90 -15.93 -6.27
N3 FMN C . 1.88 -14.14 -5.41
C4 FMN C . 2.63 -13.02 -5.55
O4 FMN C . 2.86 -12.30 -4.58
C4A FMN C . 3.14 -12.76 -6.84
N5 FMN C . 3.87 -11.71 -7.02
C5A FMN C . 4.34 -11.47 -8.27
C6 FMN C . 5.13 -10.33 -8.45
C7 FMN C . 5.64 -9.98 -9.67
C7M FMN C . 6.48 -8.74 -9.80
C8 FMN C . 5.42 -10.85 -10.77
C8M FMN C . 5.98 -10.53 -12.13
C9 FMN C . 4.61 -11.97 -10.61
C9A FMN C . 4.05 -12.29 -9.37
N10 FMN C . 3.26 -13.41 -9.15
C10 FMN C . 2.77 -13.68 -7.90
C1' FMN C . 2.85 -14.30 -10.26
C2' FMN C . 3.83 -15.41 -10.59
O2' FMN C . 5.16 -14.93 -10.58
C3' FMN C . 3.55 -15.95 -12.00
O3' FMN C . 4.15 -15.02 -12.91
C4' FMN C . 2.08 -16.14 -12.37
O4' FMN C . 1.49 -17.06 -11.43
C5' FMN C . 1.94 -16.63 -13.79
O5' FMN C . 0.82 -17.55 -14.06
P FMN C . 1.09 -19.13 -13.99
O1P FMN C . 2.38 -19.36 -14.71
O2P FMN C . 1.14 -19.48 -12.50
NI NI D . 18.24 -19.55 -12.20
N1 FMN E . -4.50 13.89 8.40
C2 FMN E . -5.56 13.54 7.69
O2 FMN E . -6.70 13.90 8.04
N3 FMN E . -5.44 12.77 6.56
C4 FMN E . -4.23 12.30 6.09
O4 FMN E . -4.15 11.60 5.07
C4A FMN E . -3.11 12.67 6.81
N5 FMN E . -1.95 12.26 6.38
C5A FMN E . -0.85 12.62 7.09
C6 FMN E . 0.39 12.19 6.63
C7 FMN E . 1.56 12.56 7.25
C7M FMN E . 2.87 12.03 6.71
C8 FMN E . 1.50 13.34 8.43
C8M FMN E . 2.75 13.72 9.18
C9 FMN E . 0.27 13.74 8.92
C9A FMN E . -0.92 13.40 8.26
N10 FMN E . -2.18 13.84 8.68
C10 FMN E . -3.32 13.48 7.98
C1' FMN E . -2.35 14.58 9.94
C2' FMN E . -1.94 16.01 9.94
O2' FMN E . -0.84 16.24 9.08
C3' FMN E . -1.61 16.36 11.40
O3' FMN E . -0.43 15.68 11.86
C4' FMN E . -2.71 16.00 12.39
O4' FMN E . -3.91 16.73 12.09
C5' FMN E . -2.24 16.24 13.81
O5' FMN E . -2.74 17.51 14.33
P FMN E . -4.06 17.51 15.27
O1P FMN E . -3.66 18.42 16.44
O2P FMN E . -5.13 18.11 14.35
#